data_4LEN
#
_entry.id   4LEN
#
_cell.length_a   45.116
_cell.length_b   106.595
_cell.length_c   47.680
_cell.angle_alpha   90.00
_cell.angle_beta   102.03
_cell.angle_gamma   90.00
#
_symmetry.space_group_name_H-M   'P 1 21 1'
#
loop_
_entity.id
_entity.type
_entity.pdbx_description
1 polymer Beta-lactamase
2 non-polymer '(2E)-3-[2-(dihydroxyboranyl)-1-benzothiophen-3-yl]prop-2-enoic acid'
3 water water
#
_entity_poly.entity_id   1
_entity_poly.type   'polypeptide(L)'
_entity_poly.pdbx_seq_one_letter_code
;QTSAVQQKLAALEKSSGGRLGVALIDTADNTQVLYRGDERFPMCSTSKVMAAAAVLKQSETQKQLLNQPVEIKPADLVNY
NPIAEKHVNGTMTLAELSAAALQYSDNTAMNKLIAQLGGPGGVTAFARAIGDETFRLDRTEPTLNTAIPGDPRDTTTPRA
MAQTLRQLTLGHALGETQRAQLVTWLKGNTTGAASIRAGLPTSWTAGDKTGSGDYGTTNDIAVIWPQGRAPLVLVTYFTQ
PQQNAESRRDVLASAARIIAEGL
;
_entity_poly.pdbx_strand_id   A,B
#
# COMPACT_ATOMS: atom_id res chain seq x y z
N GLN A 1 -3.36 0.20 5.97
CA GLN A 1 -1.95 0.26 5.49
C GLN A 1 -1.77 1.28 4.36
N THR A 2 -0.62 1.94 4.34
CA THR A 2 -0.28 2.88 3.28
C THR A 2 0.98 2.40 2.55
N SER A 3 0.82 2.10 1.26
CA SER A 3 1.92 1.61 0.44
C SER A 3 2.79 2.78 -0.05
N ALA A 4 3.95 2.43 -0.61
CA ALA A 4 4.87 3.41 -1.20
C ALA A 4 4.18 4.17 -2.33
N VAL A 5 3.41 3.43 -3.14
CA VAL A 5 2.64 4.04 -4.22
C VAL A 5 1.57 5.00 -3.70
N GLN A 6 0.83 4.59 -2.68
CA GLN A 6 -0.17 5.48 -2.07
C GLN A 6 0.47 6.73 -1.48
N GLN A 7 1.66 6.57 -0.88
CA GLN A 7 2.38 7.71 -0.34
C GLN A 7 2.82 8.69 -1.42
N LYS A 8 3.27 8.16 -2.56
CA LYS A 8 3.65 8.98 -3.69
C LYS A 8 2.45 9.75 -4.25
N LEU A 9 1.32 9.06 -4.34
CA LEU A 9 0.08 9.70 -4.81
C LEU A 9 -0.40 10.80 -3.88
N ALA A 10 -0.26 10.58 -2.57
CA ALA A 10 -0.60 11.60 -1.59
C ALA A 10 0.29 12.84 -1.72
N ALA A 11 1.58 12.61 -2.00
CA ALA A 11 2.53 13.71 -2.22
C ALA A 11 2.19 14.49 -3.48
N LEU A 12 1.86 13.77 -4.56
CA LEU A 12 1.40 14.41 -5.79
C LEU A 12 0.17 15.27 -5.51
N GLU A 13 -0.80 14.69 -4.81
CA GLU A 13 -2.02 15.39 -4.46
C GLU A 13 -1.75 16.65 -3.66
N LYS A 14 -0.89 16.53 -2.64
CA LYS A 14 -0.57 17.68 -1.80
C LYS A 14 0.01 18.84 -2.62
N SER A 15 0.95 18.53 -3.52
CA SER A 15 1.57 19.56 -4.36
C SER A 15 0.59 20.20 -5.33
N SER A 16 -0.44 19.45 -5.72
CA SER A 16 -1.41 19.86 -6.73
C SER A 16 -2.45 20.84 -6.17
N GLY A 17 -2.67 20.80 -4.87
CA GLY A 17 -3.70 21.62 -4.22
C GLY A 17 -5.14 21.11 -4.32
N GLY A 18 -5.35 20.03 -5.09
CA GLY A 18 -6.68 19.49 -5.31
C GLY A 18 -6.94 18.18 -4.59
N ARG A 19 -7.89 17.42 -5.12
CA ARG A 19 -8.25 16.12 -4.57
C ARG A 19 -8.17 15.10 -5.68
N LEU A 20 -7.37 14.06 -5.43
CA LEU A 20 -7.04 13.05 -6.42
C LEU A 20 -7.62 11.70 -6.02
N GLY A 21 -8.23 11.02 -6.99
CA GLY A 21 -8.76 9.66 -6.80
C GLY A 21 -8.21 8.73 -7.84
N VAL A 22 -7.66 7.60 -7.38
CA VAL A 22 -7.04 6.62 -8.27
C VAL A 22 -7.53 5.21 -7.95
N ALA A 23 -7.83 4.45 -9.00
CA ALA A 23 -8.04 3.01 -8.86
C ALA A 23 -7.41 2.27 -10.01
N LEU A 24 -6.52 1.35 -9.67
CA LEU A 24 -5.88 0.44 -10.62
C LEU A 24 -6.36 -0.98 -10.34
N ILE A 25 -6.69 -1.70 -11.41
CA ILE A 25 -6.81 -3.15 -11.34
C ILE A 25 -5.77 -3.73 -12.30
N ASP A 26 -4.88 -4.55 -11.76
CA ASP A 26 -3.92 -5.28 -12.60
C ASP A 26 -4.52 -6.65 -12.89
N THR A 27 -4.91 -6.92 -14.13
CA THR A 27 -5.56 -8.20 -14.43
C THR A 27 -4.59 -9.40 -14.48
N ALA A 28 -3.31 -9.14 -14.27
CA ALA A 28 -2.32 -10.23 -14.12
C ALA A 28 -2.64 -11.06 -12.87
N ASP A 29 -2.99 -10.37 -11.79
CA ASP A 29 -3.23 -11.00 -10.49
C ASP A 29 -4.52 -10.52 -9.81
N ASN A 30 -5.25 -9.62 -10.48
CA ASN A 30 -6.50 -9.01 -9.96
C ASN A 30 -6.30 -8.09 -8.78
N THR A 31 -5.06 -7.73 -8.48
CA THR A 31 -4.77 -6.86 -7.36
C THR A 31 -5.16 -5.43 -7.70
N GLN A 32 -5.46 -4.68 -6.65
CA GLN A 32 -5.95 -3.33 -6.79
C GLN A 32 -5.05 -2.36 -6.05
N VAL A 33 -4.85 -1.19 -6.65
CA VAL A 33 -4.15 -0.10 -5.98
C VAL A 33 -5.03 1.13 -6.07
N LEU A 34 -5.57 1.64 -4.65
CA LEU A 34 -6.60 2.65 -4.52
CA LEU A 34 -6.62 2.63 -4.47
C LEU A 34 -6.03 3.84 -3.77
N TYR A 35 -6.42 5.02 -4.22
CA TYR A 35 -6.12 6.22 -3.48
C TYR A 35 -7.42 7.00 -3.50
N ARG A 36 -7.97 7.24 -2.30
CA ARG A 36 -9.34 7.80 -2.16
C ARG A 36 -10.32 7.01 -3.03
N GLY A 37 -10.15 5.68 -3.02
CA GLY A 37 -10.87 4.79 -3.93
C GLY A 37 -12.36 4.75 -3.71
N ASP A 38 -12.79 5.11 -2.49
CA ASP A 38 -14.20 5.09 -2.14
C ASP A 38 -14.80 6.47 -1.94
N GLU A 39 -14.07 7.51 -2.35
CA GLU A 39 -14.61 8.86 -2.33
C GLU A 39 -15.29 9.15 -3.66
N ARG A 40 -16.34 9.97 -3.61
CA ARG A 40 -17.05 10.35 -4.83
C ARG A 40 -16.38 11.50 -5.55
N PHE A 41 -16.40 11.42 -6.88
CA PHE A 41 -15.86 12.43 -7.76
C PHE A 41 -16.87 12.67 -8.89
N PRO A 42 -16.97 13.91 -9.39
CA PRO A 42 -17.81 14.17 -10.57
C PRO A 42 -17.20 13.51 -11.80
N MET A 43 -18.00 12.71 -12.52
CA MET A 43 -17.49 11.96 -13.66
C MET A 43 -17.20 12.78 -14.90
N CYS A 44 -17.99 13.85 -15.08
CA CYS A 44 -17.99 14.64 -16.31
C CYS A 44 -18.07 13.68 -17.50
N SER A 45 -17.31 13.92 -18.57
CA SER A 45 -17.47 13.13 -19.80
C SER A 45 -17.05 11.66 -19.69
N THR A 46 -16.43 11.26 -18.57
CA THR A 46 -16.15 9.83 -18.41
C THR A 46 -17.44 9.01 -18.33
N SER A 47 -18.55 9.66 -17.98
CA SER A 47 -19.87 9.00 -17.98
C SER A 47 -20.32 8.57 -19.38
N LYS A 48 -19.71 9.12 -20.43
CA LYS A 48 -20.06 8.73 -21.81
C LYS A 48 -19.79 7.26 -22.07
N VAL A 49 -18.80 6.68 -21.38
CA VAL A 49 -18.56 5.25 -21.50
C VAL A 49 -19.76 4.42 -21.05
N MET A 50 -20.36 4.81 -19.93
CA MET A 50 -21.51 4.04 -19.44
C MET A 50 -22.71 4.17 -20.37
N ALA A 51 -22.93 5.36 -20.92
CA ALA A 51 -24.04 5.57 -21.85
C ALA A 51 -23.86 4.79 -23.16
N ALA A 52 -22.67 4.85 -23.74
CA ALA A 52 -22.37 4.09 -24.96
C ALA A 52 -22.51 2.59 -24.72
N ALA A 53 -22.02 2.13 -23.57
CA ALA A 53 -22.13 0.72 -23.22
C ALA A 53 -23.57 0.27 -23.05
N ALA A 54 -24.41 1.14 -22.47
CA ALA A 54 -25.82 0.83 -22.27
C ALA A 54 -26.53 0.66 -23.62
N VAL A 55 -26.19 1.52 -24.57
CA VAL A 55 -26.73 1.40 -25.93
C VAL A 55 -26.20 0.15 -26.62
N LEU A 56 -24.91 -0.16 -26.43
CA LEU A 56 -24.37 -1.43 -26.94
C LEU A 56 -25.14 -2.64 -26.40
N LYS A 57 -25.48 -2.61 -25.11
CA LYS A 57 -26.27 -3.69 -24.50
C LYS A 57 -27.63 -3.81 -25.17
N GLN A 58 -28.30 -2.67 -25.40
CA GLN A 58 -29.57 -2.68 -26.10
C GLN A 58 -29.45 -3.29 -27.49
N SER A 59 -28.35 -3.01 -28.18
CA SER A 59 -28.11 -3.50 -29.54
C SER A 59 -27.95 -5.03 -29.62
N GLU A 60 -27.70 -5.68 -28.47
CA GLU A 60 -27.57 -7.15 -28.43
C GLU A 60 -28.88 -7.84 -28.79
N THR A 61 -29.99 -7.18 -28.51
CA THR A 61 -31.31 -7.74 -28.85
C THR A 61 -31.97 -7.02 -30.03
N GLN A 62 -31.20 -6.11 -30.66
CA GLN A 62 -31.62 -5.39 -31.87
C GLN A 62 -30.44 -5.17 -32.82
N LYS A 63 -30.27 -6.08 -33.76
CA LYS A 63 -29.13 -6.06 -34.70
C LYS A 63 -29.01 -4.76 -35.51
N GLN A 64 -30.12 -4.04 -35.66
CA GLN A 64 -30.12 -2.81 -36.46
C GLN A 64 -30.13 -1.51 -35.65
N LEU A 65 -30.11 -1.61 -34.33
CA LEU A 65 -30.20 -0.43 -33.47
C LEU A 65 -29.11 0.58 -33.78
N LEU A 66 -27.87 0.11 -33.95
CA LEU A 66 -26.76 1.02 -34.16
C LEU A 66 -26.83 1.76 -35.49
N ASN A 67 -27.66 1.26 -36.41
CA ASN A 67 -27.88 1.93 -37.69
C ASN A 67 -29.10 2.84 -37.70
N GLN A 68 -29.80 2.89 -36.56
CA GLN A 68 -31.00 3.70 -36.40
C GLN A 68 -30.68 5.19 -36.42
N PRO A 69 -31.33 5.96 -37.32
CA PRO A 69 -31.09 7.39 -37.40
C PRO A 69 -31.73 8.16 -36.26
N VAL A 70 -31.04 9.19 -35.80
CA VAL A 70 -31.55 10.08 -34.78
C VAL A 70 -31.44 11.49 -35.35
N GLU A 71 -32.53 12.25 -35.30
CA GLU A 71 -32.56 13.60 -35.82
C GLU A 71 -31.76 14.54 -34.94
N ILE A 72 -30.93 15.37 -35.58
CA ILE A 72 -30.17 16.40 -34.90
C ILE A 72 -30.76 17.75 -35.32
N LYS A 73 -31.31 18.47 -34.34
CA LYS A 73 -31.95 19.76 -34.59
CA LYS A 73 -31.94 19.76 -34.58
C LYS A 73 -31.09 20.89 -34.03
N PRO A 74 -31.24 22.12 -34.60
CA PRO A 74 -30.46 23.24 -34.06
C PRO A 74 -30.57 23.39 -32.55
N ALA A 75 -31.76 23.13 -31.99
CA ALA A 75 -31.99 23.25 -30.55
C ALA A 75 -31.25 22.19 -29.71
N ASP A 76 -30.80 21.13 -30.36
CA ASP A 76 -30.09 20.05 -29.68
C ASP A 76 -28.64 20.38 -29.38
N LEU A 77 -28.08 21.35 -30.10
CA LEU A 77 -26.69 21.70 -29.91
C LEU A 77 -26.48 22.29 -28.52
N VAL A 78 -25.48 21.78 -27.82
CA VAL A 78 -25.15 22.31 -26.51
C VAL A 78 -23.85 23.13 -26.61
N ASN A 79 -22.86 22.82 -25.73
CA ASN A 79 -21.72 23.71 -25.51
C ASN A 79 -20.49 23.21 -26.25
N TYR A 80 -20.49 21.94 -26.63
CA TYR A 80 -19.37 21.34 -27.33
C TYR A 80 -19.84 20.18 -28.20
N ASN A 81 -19.94 20.44 -29.50
CA ASN A 81 -20.57 19.50 -30.42
C ASN A 81 -19.82 19.43 -31.75
N PRO A 82 -18.51 19.07 -31.72
CA PRO A 82 -17.70 19.13 -32.96
C PRO A 82 -18.21 18.22 -34.07
N ILE A 83 -18.87 17.12 -33.74
CA ILE A 83 -19.40 16.22 -34.76
C ILE A 83 -20.88 16.51 -35.06
N ALA A 84 -21.68 16.64 -34.01
CA ALA A 84 -23.11 16.85 -34.20
C ALA A 84 -23.45 18.12 -34.99
N GLU A 85 -22.66 19.18 -34.81
CA GLU A 85 -22.97 20.43 -35.52
C GLU A 85 -22.92 20.28 -37.04
N LYS A 86 -22.15 19.30 -37.51
CA LYS A 86 -22.05 19.03 -38.95
C LYS A 86 -23.29 18.36 -39.51
N HIS A 87 -24.13 17.84 -38.61
CA HIS A 87 -25.28 17.03 -38.99
C HIS A 87 -26.62 17.64 -38.58
N VAL A 88 -26.58 18.89 -38.12
CA VAL A 88 -27.80 19.63 -37.77
C VAL A 88 -28.75 19.69 -38.97
N ASN A 89 -30.04 19.52 -38.69
CA ASN A 89 -31.09 19.35 -39.71
C ASN A 89 -30.98 18.04 -40.51
N GLY A 90 -30.06 17.17 -40.11
CA GLY A 90 -29.95 15.83 -40.68
C GLY A 90 -30.06 14.79 -39.59
N THR A 91 -29.45 13.63 -39.82
CA THR A 91 -29.48 12.55 -38.83
C THR A 91 -28.08 11.99 -38.57
N MET A 92 -27.93 11.33 -37.43
CA MET A 92 -26.77 10.49 -37.15
C MET A 92 -27.28 9.19 -36.61
N THR A 93 -26.60 8.09 -36.92
CA THR A 93 -26.98 6.80 -36.36
C THR A 93 -26.50 6.69 -34.92
N LEU A 94 -27.04 5.73 -34.17
CA LEU A 94 -26.58 5.52 -32.79
C LEU A 94 -25.11 5.09 -32.73
N ALA A 95 -24.61 4.39 -33.75
CA ALA A 95 -23.17 4.12 -33.82
C ALA A 95 -22.37 5.41 -34.00
N GLU A 96 -22.82 6.29 -34.90
CA GLU A 96 -22.15 7.56 -35.13
C GLU A 96 -22.16 8.42 -33.86
N LEU A 97 -23.28 8.40 -33.15
CA LEU A 97 -23.39 9.15 -31.91
C LEU A 97 -22.47 8.58 -30.83
N SER A 98 -22.40 7.25 -30.73
CA SER A 98 -21.51 6.61 -29.78
C SER A 98 -20.05 6.94 -30.08
N ALA A 99 -19.65 6.81 -31.34
CA ALA A 99 -18.28 7.16 -31.75
C ALA A 99 -17.97 8.63 -31.48
N ALA A 100 -18.90 9.52 -31.79
CA ALA A 100 -18.69 10.96 -31.55
C ALA A 100 -18.55 11.30 -30.06
N ALA A 101 -19.43 10.72 -29.25
CA ALA A 101 -19.37 10.89 -27.80
C ALA A 101 -18.06 10.37 -27.24
N LEU A 102 -17.66 9.18 -27.65
CA LEU A 102 -16.48 8.56 -27.04
C LEU A 102 -15.19 9.16 -27.54
N GLN A 103 -15.09 9.33 -28.86
CA GLN A 103 -13.80 9.69 -29.46
C GLN A 103 -13.55 11.19 -29.56
N TYR A 104 -14.62 11.98 -29.56
CA TYR A 104 -14.49 13.45 -29.64
C TYR A 104 -15.10 14.15 -28.43
N SER A 105 -15.70 13.38 -27.51
CA SER A 105 -16.39 13.93 -26.33
C SER A 105 -17.52 14.89 -26.71
N ASP A 106 -18.22 14.56 -27.80
CA ASP A 106 -19.33 15.38 -28.31
C ASP A 106 -20.52 15.32 -27.33
N ASN A 107 -20.93 16.49 -26.83
CA ASN A 107 -21.98 16.56 -25.81
C ASN A 107 -23.40 16.37 -26.33
N THR A 108 -23.67 16.86 -27.54
CA THR A 108 -24.95 16.58 -28.18
C THR A 108 -25.10 15.08 -28.41
N ALA A 109 -24.03 14.43 -28.87
CA ALA A 109 -24.05 12.98 -29.07
C ALA A 109 -24.39 12.26 -27.77
N MET A 110 -23.75 12.67 -26.68
CA MET A 110 -24.08 12.11 -25.36
C MET A 110 -25.55 12.27 -25.03
N ASN A 111 -26.10 13.46 -25.27
CA ASN A 111 -27.51 13.68 -24.95
C ASN A 111 -28.44 12.77 -25.75
N LYS A 112 -28.06 12.42 -26.97
CA LYS A 112 -28.85 11.48 -27.75
C LYS A 112 -28.75 10.05 -27.21
N LEU A 113 -27.57 9.66 -26.71
CA LEU A 113 -27.44 8.37 -26.06
C LEU A 113 -28.32 8.32 -24.81
N ILE A 114 -28.26 9.38 -24.00
CA ILE A 114 -29.10 9.45 -22.80
C ILE A 114 -30.59 9.35 -23.13
N ALA A 115 -31.02 10.09 -24.16
CA ALA A 115 -32.43 10.06 -24.59
C ALA A 115 -32.85 8.67 -25.05
N GLN A 116 -31.96 7.98 -25.77
CA GLN A 116 -32.24 6.62 -26.22
C GLN A 116 -32.49 5.68 -25.04
N LEU A 117 -31.83 5.95 -23.92
CA LEU A 117 -31.96 5.15 -22.71
C LEU A 117 -33.07 5.64 -21.77
N GLY A 118 -33.79 6.68 -22.18
CA GLY A 118 -34.93 7.19 -21.41
C GLY A 118 -34.59 8.21 -20.33
N GLY A 119 -33.42 8.83 -20.46
CA GLY A 119 -33.00 9.82 -19.50
C GLY A 119 -31.83 9.35 -18.66
N PRO A 120 -31.27 10.25 -17.83
CA PRO A 120 -30.07 9.90 -17.05
C PRO A 120 -30.25 8.63 -16.23
N GLY A 121 -31.44 8.42 -15.66
CA GLY A 121 -31.74 7.22 -14.89
C GLY A 121 -31.63 5.92 -15.67
N GLY A 122 -31.79 5.99 -16.99
CA GLY A 122 -31.59 4.82 -17.86
C GLY A 122 -30.14 4.38 -17.86
N VAL A 123 -29.23 5.35 -17.75
CA VAL A 123 -27.82 5.05 -17.68
C VAL A 123 -27.48 4.43 -16.31
N THR A 124 -27.99 5.03 -15.24
CA THR A 124 -27.85 4.47 -13.89
C THR A 124 -28.39 3.04 -13.82
N ALA A 125 -29.55 2.81 -14.43
CA ALA A 125 -30.16 1.48 -14.42
C ALA A 125 -29.26 0.43 -15.06
N PHE A 126 -28.63 0.79 -16.18
CA PHE A 126 -27.67 -0.12 -16.82
C PHE A 126 -26.50 -0.42 -15.89
N ALA A 127 -25.96 0.62 -15.24
CA ALA A 127 -24.88 0.43 -14.29
C ALA A 127 -25.27 -0.60 -13.23
N ARG A 128 -26.47 -0.46 -12.67
CA ARG A 128 -26.95 -1.40 -11.66
C ARG A 128 -27.06 -2.81 -12.22
N ALA A 129 -27.52 -2.92 -13.47
CA ALA A 129 -27.68 -4.23 -14.11
C ALA A 129 -26.35 -4.96 -14.31
N ILE A 130 -25.25 -4.23 -14.34
CA ILE A 130 -23.94 -4.87 -14.49
C ILE A 130 -23.14 -4.88 -13.18
N GLY A 131 -23.84 -4.62 -12.08
CA GLY A 131 -23.27 -4.81 -10.73
C GLY A 131 -22.63 -3.59 -10.13
N ASP A 132 -22.79 -2.43 -10.77
CA ASP A 132 -22.26 -1.17 -10.27
C ASP A 132 -23.34 -0.47 -9.45
N GLU A 133 -23.17 -0.52 -8.13
CA GLU A 133 -24.13 0.07 -7.20
C GLU A 133 -23.80 1.52 -6.81
N THR A 134 -22.78 2.08 -7.47
CA THR A 134 -22.19 3.35 -7.05
C THR A 134 -22.45 4.49 -8.04
N PHE A 135 -22.22 4.19 -9.32
CA PHE A 135 -22.46 5.12 -10.42
C PHE A 135 -23.84 5.74 -10.33
N ARG A 136 -23.93 7.06 -10.54
CA ARG A 136 -25.23 7.70 -10.73
C ARG A 136 -25.12 8.80 -11.78
N LEU A 137 -26.01 8.76 -12.77
CA LEU A 137 -26.14 9.88 -13.70
C LEU A 137 -27.50 10.52 -13.41
N ASP A 138 -27.47 11.82 -13.15
CA ASP A 138 -28.66 12.55 -12.70
C ASP A 138 -29.10 13.61 -13.70
N ARG A 139 -28.16 14.09 -14.52
CA ARG A 139 -28.43 15.20 -15.44
C ARG A 139 -27.85 14.91 -16.81
N THR A 140 -28.27 15.72 -17.79
CA THR A 140 -27.75 15.65 -19.15
C THR A 140 -26.56 16.61 -19.31
N GLU A 141 -26.00 16.66 -20.52
CA GLU A 141 -25.01 17.67 -20.87
C GLU A 141 -25.72 19.00 -21.15
N PRO A 142 -25.15 20.13 -20.69
CA PRO A 142 -23.85 20.26 -20.02
C PRO A 142 -23.89 20.35 -18.51
N THR A 143 -25.08 20.31 -17.91
CA THR A 143 -25.15 20.55 -16.46
C THR A 143 -24.54 19.43 -15.61
N LEU A 144 -24.37 18.24 -16.19
CA LEU A 144 -23.70 17.16 -15.45
C LEU A 144 -22.23 17.49 -15.12
N ASN A 145 -21.71 18.60 -15.66
CA ASN A 145 -20.33 19.04 -15.40
C ASN A 145 -20.16 20.09 -14.30
N THR A 146 -21.22 20.42 -13.56
CA THR A 146 -21.10 21.48 -12.55
C THR A 146 -20.05 21.14 -11.48
N ALA A 147 -19.92 19.84 -11.17
CA ALA A 147 -18.81 19.33 -10.36
C ALA A 147 -18.67 20.02 -9.00
N ILE A 148 -19.78 20.39 -8.38
CA ILE A 148 -19.76 21.15 -7.14
C ILE A 148 -19.26 20.24 -6.01
N PRO A 149 -18.27 20.69 -5.22
CA PRO A 149 -17.82 19.83 -4.13
C PRO A 149 -18.97 19.41 -3.22
N GLY A 150 -19.00 18.13 -2.87
CA GLY A 150 -20.02 17.60 -1.96
C GLY A 150 -21.33 17.20 -2.62
N ASP A 151 -21.48 17.57 -3.89
CA ASP A 151 -22.68 17.25 -4.66
C ASP A 151 -22.60 15.81 -5.17
N PRO A 152 -23.57 14.95 -4.81
CA PRO A 152 -23.53 13.56 -5.25
C PRO A 152 -23.98 13.34 -6.70
N ARG A 153 -24.60 14.35 -7.30
CA ARG A 153 -25.10 14.19 -8.67
C ARG A 153 -23.97 13.89 -9.66
N ASP A 154 -24.22 12.91 -10.53
CA ASP A 154 -23.30 12.62 -11.63
C ASP A 154 -21.90 12.28 -11.13
N THR A 155 -21.85 11.46 -10.08
CA THR A 155 -20.60 11.04 -9.49
C THR A 155 -20.48 9.53 -9.48
N THR A 156 -19.23 9.08 -9.31
CA THR A 156 -18.94 7.70 -8.91
C THR A 156 -17.65 7.69 -8.08
N THR A 157 -17.21 6.51 -7.65
CA THR A 157 -15.93 6.37 -6.98
C THR A 157 -14.90 5.75 -7.92
N PRO A 158 -13.60 5.98 -7.65
CA PRO A 158 -12.61 5.34 -8.52
C PRO A 158 -12.72 3.81 -8.49
N ARG A 159 -12.93 3.21 -7.31
CA ARG A 159 -13.05 1.75 -7.22
C ARG A 159 -14.19 1.24 -8.10
N ALA A 160 -15.35 1.88 -8.00
CA ALA A 160 -16.50 1.43 -8.78
C ALA A 160 -16.28 1.54 -10.28
N MET A 161 -15.73 2.67 -10.73
CA MET A 161 -15.54 2.87 -12.16
CA MET A 161 -15.53 2.88 -12.17
C MET A 161 -14.47 1.94 -12.73
N ALA A 162 -13.44 1.63 -11.94
CA ALA A 162 -12.41 0.70 -12.40
C ALA A 162 -12.99 -0.71 -12.58
N GLN A 163 -13.76 -1.16 -11.60
CA GLN A 163 -14.41 -2.46 -11.67
C GLN A 163 -15.32 -2.54 -12.89
N THR A 164 -16.12 -1.50 -13.09
CA THR A 164 -17.07 -1.46 -14.20
C THR A 164 -16.35 -1.42 -15.55
N LEU A 165 -15.31 -0.59 -15.66
CA LEU A 165 -14.57 -0.53 -16.91
C LEU A 165 -13.94 -1.89 -17.24
N ARG A 166 -13.47 -2.60 -16.21
CA ARG A 166 -12.94 -3.94 -16.43
C ARG A 166 -14.03 -4.87 -16.97
N GLN A 167 -15.18 -4.90 -16.30
CA GLN A 167 -16.26 -5.77 -16.76
C GLN A 167 -16.72 -5.46 -18.18
N LEU A 168 -16.76 -4.18 -18.54
CA LEU A 168 -17.19 -3.75 -19.88
C LEU A 168 -16.19 -4.07 -20.98
N THR A 169 -14.91 -3.86 -20.69
CA THR A 169 -13.89 -3.95 -21.74
C THR A 169 -13.15 -5.27 -21.80
N LEU A 170 -13.06 -5.96 -20.66
CA LEU A 170 -12.28 -7.19 -20.55
C LEU A 170 -13.14 -8.37 -20.09
N GLY A 171 -14.23 -8.07 -19.39
CA GLY A 171 -15.11 -9.10 -18.86
C GLY A 171 -16.31 -9.36 -19.76
N HIS A 172 -17.42 -9.76 -19.15
CA HIS A 172 -18.58 -10.23 -19.91
C HIS A 172 -19.87 -9.46 -19.64
N ALA A 173 -19.73 -8.19 -19.27
CA ALA A 173 -20.87 -7.30 -19.10
C ALA A 173 -21.59 -7.07 -20.43
N LEU A 174 -20.83 -7.09 -21.52
CA LEU A 174 -21.37 -6.99 -22.87
C LEU A 174 -21.12 -8.28 -23.64
N GLY A 175 -21.89 -8.49 -24.71
CA GLY A 175 -21.59 -9.58 -25.65
C GLY A 175 -20.23 -9.36 -26.28
N GLU A 176 -19.65 -10.42 -26.84
CA GLU A 176 -18.29 -10.36 -27.39
CA GLU A 176 -18.29 -10.38 -27.39
C GLU A 176 -18.14 -9.29 -28.47
N THR A 177 -19.07 -9.26 -29.42
CA THR A 177 -19.07 -8.27 -30.50
C THR A 177 -19.13 -6.84 -29.94
N GLN A 178 -19.98 -6.66 -28.93
CA GLN A 178 -20.17 -5.33 -28.33
C GLN A 178 -18.96 -4.87 -27.51
N ARG A 179 -18.37 -5.80 -26.75
CA ARG A 179 -17.15 -5.52 -26.01
C ARG A 179 -16.05 -5.09 -26.96
N ALA A 180 -15.91 -5.79 -28.09
CA ALA A 180 -14.92 -5.46 -29.10
C ALA A 180 -15.15 -4.06 -29.69
N GLN A 181 -16.42 -3.73 -29.93
CA GLN A 181 -16.77 -2.41 -30.47
C GLN A 181 -16.40 -1.31 -29.47
N LEU A 182 -16.70 -1.55 -28.19
CA LEU A 182 -16.35 -0.58 -27.16
C LEU A 182 -14.85 -0.36 -27.08
N VAL A 183 -14.10 -1.45 -27.10
CA VAL A 183 -12.63 -1.37 -27.06
C VAL A 183 -12.08 -0.62 -28.29
N THR A 184 -12.63 -0.92 -29.46
CA THR A 184 -12.26 -0.22 -30.69
C THR A 184 -12.50 1.29 -30.56
N TRP A 185 -13.65 1.66 -30.03
CA TRP A 185 -13.95 3.09 -29.85
C TRP A 185 -12.98 3.75 -28.89
N LEU A 186 -12.74 3.13 -27.73
CA LEU A 186 -11.84 3.70 -26.73
C LEU A 186 -10.43 3.84 -27.27
N LYS A 187 -9.97 2.84 -28.02
CA LYS A 187 -8.62 2.85 -28.58
C LYS A 187 -8.45 3.96 -29.62
N GLY A 188 -9.55 4.38 -30.23
CA GLY A 188 -9.50 5.47 -31.20
C GLY A 188 -9.82 6.85 -30.63
N ASN A 189 -9.84 6.95 -29.30
CA ASN A 189 -10.04 8.25 -28.69
C ASN A 189 -9.04 9.29 -29.19
N THR A 190 -9.51 10.52 -29.41
CA THR A 190 -8.63 11.59 -29.87
C THR A 190 -8.11 12.51 -28.77
N THR A 191 -8.71 12.43 -27.58
CA THR A 191 -8.52 13.48 -26.56
C THR A 191 -7.58 13.09 -25.43
N GLY A 192 -6.94 11.91 -25.51
CA GLY A 192 -6.30 11.32 -24.34
C GLY A 192 -4.79 11.43 -24.16
N ALA A 193 -4.08 12.01 -25.13
CA ALA A 193 -2.61 11.92 -25.12
C ALA A 193 -1.92 12.67 -23.97
N ALA A 194 -2.60 13.64 -23.36
CA ALA A 194 -2.02 14.44 -22.28
C ALA A 194 -2.36 13.91 -20.89
N SER A 195 -3.17 12.87 -20.82
CA SER A 195 -3.72 12.43 -19.55
C SER A 195 -3.02 11.14 -19.08
N ILE A 196 -3.78 10.07 -18.78
CA ILE A 196 -3.14 8.82 -18.35
C ILE A 196 -2.02 8.38 -19.30
N ARG A 197 -2.28 8.46 -20.61
CA ARG A 197 -1.32 7.99 -21.61
CA ARG A 197 -1.33 8.02 -21.64
C ARG A 197 0.03 8.69 -21.50
N ALA A 198 0.02 9.96 -21.10
CA ALA A 198 1.26 10.73 -20.99
C ALA A 198 2.17 10.22 -19.89
N GLY A 199 1.63 9.43 -18.96
CA GLY A 199 2.42 8.90 -17.86
C GLY A 199 2.92 7.49 -18.09
N LEU A 200 2.51 6.88 -19.19
CA LEU A 200 2.83 5.48 -19.47
C LEU A 200 4.02 5.34 -20.40
N PRO A 201 4.76 4.22 -20.28
CA PRO A 201 5.81 3.97 -21.27
C PRO A 201 5.25 3.99 -22.68
N THR A 202 6.00 4.59 -23.61
CA THR A 202 5.50 4.80 -24.97
C THR A 202 5.17 3.50 -25.72
N SER A 203 5.83 2.40 -25.36
CA SER A 203 5.57 1.10 -25.99
C SER A 203 4.19 0.52 -25.67
N TRP A 204 3.57 0.98 -24.58
CA TRP A 204 2.26 0.47 -24.14
C TRP A 204 1.16 1.02 -25.03
N THR A 205 0.06 0.27 -25.16
CA THR A 205 -1.12 0.75 -25.87
C THR A 205 -2.27 0.88 -24.88
N ALA A 206 -3.26 1.70 -25.23
CA ALA A 206 -4.38 1.95 -24.33
C ALA A 206 -5.57 2.51 -25.08
N GLY A 207 -6.74 2.40 -24.45
CA GLY A 207 -7.94 3.13 -24.89
C GLY A 207 -8.38 3.91 -23.67
N ASP A 208 -8.96 5.09 -23.86
CA ASP A 208 -9.36 5.89 -22.70
C ASP A 208 -10.53 6.80 -23.03
N LYS A 209 -11.16 7.30 -21.97
CA LYS A 209 -12.11 8.40 -22.09
C LYS A 209 -11.82 9.43 -21.03
N THR A 210 -11.58 10.65 -21.50
CA THR A 210 -11.30 11.79 -20.64
C THR A 210 -12.58 12.46 -20.16
N GLY A 211 -12.42 13.33 -19.17
CA GLY A 211 -13.51 14.20 -18.77
C GLY A 211 -12.95 15.48 -18.21
N SER A 212 -13.70 16.56 -18.39
CA SER A 212 -13.36 17.82 -17.75
C SER A 212 -14.63 18.58 -17.41
N GLY A 213 -14.54 19.35 -16.34
CA GLY A 213 -15.67 20.11 -15.90
C GLY A 213 -15.22 21.35 -15.14
N ASP A 214 -16.48 21.91 -14.29
CA ASP A 214 -16.10 23.02 -13.43
C ASP A 214 -15.24 22.51 -12.27
N TYR A 215 -14.79 23.43 -11.44
CA TYR A 215 -13.87 23.12 -10.33
C TYR A 215 -12.58 22.46 -10.84
N GLY A 216 -12.18 22.83 -12.06
CA GLY A 216 -10.98 22.30 -12.67
C GLY A 216 -10.95 20.78 -12.69
N THR A 217 -12.13 20.18 -12.81
CA THR A 217 -12.24 18.74 -12.76
C THR A 217 -11.61 18.15 -14.02
N THR A 218 -10.69 17.22 -13.81
CA THR A 218 -9.87 16.66 -14.88
C THR A 218 -9.78 15.16 -14.64
N ASN A 219 -10.37 14.38 -15.56
CA ASN A 219 -10.55 12.95 -15.36
C ASN A 219 -10.08 12.12 -16.54
N ASP A 220 -9.78 10.86 -16.29
CA ASP A 220 -9.47 9.93 -17.36
C ASP A 220 -9.69 8.52 -16.84
N ILE A 221 -10.28 7.68 -17.68
CA ILE A 221 -10.44 6.25 -17.37
C ILE A 221 -9.90 5.46 -18.55
N ALA A 222 -9.06 4.46 -18.27
CA ALA A 222 -8.34 3.76 -19.32
C ALA A 222 -8.26 2.26 -19.14
N VAL A 223 -8.22 1.56 -20.27
CA VAL A 223 -7.83 0.16 -20.31
C VAL A 223 -6.48 0.15 -21.02
N ILE A 224 -5.51 -0.54 -20.43
CA ILE A 224 -4.12 -0.40 -20.84
C ILE A 224 -3.54 -1.78 -21.13
N TRP A 225 -2.84 -1.89 -22.26
CA TRP A 225 -2.14 -3.12 -22.59
C TRP A 225 -0.63 -2.86 -22.51
N PRO A 226 0.07 -3.10 -21.35
CA PRO A 226 1.51 -2.91 -21.21
C PRO A 226 2.27 -4.00 -21.95
N GLN A 227 3.38 -3.54 -22.55
CA GLN A 227 4.31 -4.45 -23.20
C GLN A 227 4.53 -5.73 -22.39
N GLY A 228 4.23 -6.77 -22.99
CA GLY A 228 4.48 -8.08 -22.40
C GLY A 228 3.85 -8.46 -21.06
N ARG A 229 2.60 -8.05 -20.83
CA ARG A 229 1.88 -8.48 -19.63
C ARG A 229 0.39 -8.22 -19.75
N ALA A 230 -0.38 -8.78 -18.83
CA ALA A 230 -1.84 -8.70 -18.85
C ALA A 230 -2.31 -7.25 -18.74
N PRO A 231 -3.49 -6.95 -19.30
CA PRO A 231 -3.99 -5.57 -19.27
C PRO A 231 -4.25 -5.00 -17.88
N LEU A 232 -4.22 -3.67 -17.80
CA LEU A 232 -4.57 -2.95 -16.60
C LEU A 232 -5.82 -2.12 -16.85
N VAL A 233 -6.54 -1.83 -15.78
CA VAL A 233 -7.60 -0.83 -15.82
C VAL A 233 -7.21 0.25 -14.82
N LEU A 234 -7.24 1.51 -15.29
CA LEU A 234 -6.83 2.62 -14.45
C LEU A 234 -7.80 3.79 -14.55
N VAL A 235 -8.27 4.28 -13.41
N VAL A 235 -8.26 4.26 -13.39
CA VAL A 235 -9.07 5.48 -13.39
CA VAL A 235 -9.10 5.44 -13.27
C VAL A 235 -8.40 6.53 -12.52
C VAL A 235 -8.33 6.52 -12.51
N THR A 236 -8.31 7.74 -13.05
CA THR A 236 -7.69 8.88 -12.36
C THR A 236 -8.67 10.04 -12.39
N TYR A 237 -9.14 10.44 -11.23
CA TYR A 237 -10.08 11.55 -11.08
C TYR A 237 -9.41 12.67 -10.30
N PHE A 238 -9.65 13.91 -10.71
CA PHE A 238 -9.04 15.05 -10.03
C PHE A 238 -10.00 16.23 -10.04
N THR A 239 -10.15 16.87 -8.89
CA THR A 239 -11.05 18.01 -8.78
C THR A 239 -10.45 19.03 -7.80
N GLN A 240 -10.83 20.30 -7.96
CA GLN A 240 -10.14 21.41 -7.29
C GLN A 240 -11.12 22.29 -6.53
N PRO A 241 -10.63 23.11 -5.58
CA PRO A 241 -11.58 23.81 -4.71
C PRO A 241 -12.27 25.05 -5.30
N GLN A 242 -11.71 25.65 -6.36
CA GLN A 242 -12.28 26.86 -6.98
C GLN A 242 -13.04 26.54 -8.26
N GLN A 243 -14.23 27.11 -8.41
CA GLN A 243 -15.10 26.82 -9.57
C GLN A 243 -14.43 27.02 -10.93
N ASN A 244 -13.59 28.04 -11.02
CA ASN A 244 -12.97 28.38 -12.29
CA ASN A 244 -12.94 28.44 -12.26
C ASN A 244 -11.52 27.90 -12.41
N ALA A 245 -11.17 26.89 -11.62
CA ALA A 245 -9.82 26.30 -11.69
C ALA A 245 -9.48 25.77 -13.07
N GLU A 246 -8.21 25.86 -13.42
CA GLU A 246 -7.69 25.38 -14.71
C GLU A 246 -7.62 23.85 -14.73
N SER A 247 -7.70 23.26 -15.92
CA SER A 247 -7.47 21.83 -16.11
C SER A 247 -6.07 21.42 -15.70
N ARG A 248 -5.93 20.22 -15.14
CA ARG A 248 -4.63 19.69 -14.73
C ARG A 248 -4.40 18.28 -15.24
N ARG A 249 -4.34 18.13 -16.57
CA ARG A 249 -4.11 16.82 -17.15
C ARG A 249 -2.74 16.27 -16.75
N ASP A 250 -1.79 17.17 -16.50
CA ASP A 250 -0.47 16.77 -16.03
C ASP A 250 -0.51 15.99 -14.71
N VAL A 251 -1.47 16.31 -13.84
CA VAL A 251 -1.65 15.57 -12.58
C VAL A 251 -2.06 14.12 -12.87
N LEU A 252 -2.91 13.94 -13.88
CA LEU A 252 -3.34 12.58 -14.25
C LEU A 252 -2.19 11.78 -14.82
N ALA A 253 -1.40 12.42 -15.69
CA ALA A 253 -0.18 11.81 -16.21
C ALA A 253 0.78 11.40 -15.09
N SER A 254 0.97 12.29 -14.11
CA SER A 254 1.84 11.99 -12.97
C SER A 254 1.34 10.80 -12.16
N ALA A 255 0.04 10.73 -11.94
CA ALA A 255 -0.57 9.60 -11.23
C ALA A 255 -0.32 8.31 -11.99
N ALA A 256 -0.52 8.34 -13.31
CA ALA A 256 -0.30 7.16 -14.13
C ALA A 256 1.16 6.73 -14.10
N ARG A 257 2.09 7.69 -14.09
CA ARG A 257 3.51 7.39 -14.03
C ARG A 257 3.87 6.69 -12.71
N ILE A 258 3.32 7.19 -11.61
CA ILE A 258 3.53 6.59 -10.29
C ILE A 258 3.01 5.15 -10.27
N ILE A 259 1.80 4.94 -10.79
CA ILE A 259 1.22 3.60 -10.91
C ILE A 259 2.09 2.66 -11.75
N ALA A 260 2.56 3.13 -12.91
CA ALA A 260 3.37 2.31 -13.80
C ALA A 260 4.70 1.91 -13.16
N GLU A 261 5.32 2.86 -12.46
CA GLU A 261 6.61 2.64 -11.81
C GLU A 261 6.50 1.71 -10.59
N GLY A 262 5.28 1.61 -10.04
CA GLY A 262 4.99 0.75 -8.91
C GLY A 262 4.70 -0.71 -9.25
N LEU A 263 4.55 -0.99 -10.54
CA LEU A 263 4.33 -2.35 -11.01
C LEU A 263 5.65 -3.12 -11.07
N SER B 3 11.15 -32.73 8.63
CA SER B 3 11.81 -33.50 9.72
C SER B 3 10.92 -33.60 10.96
N ALA B 4 11.50 -34.04 12.08
CA ALA B 4 10.79 -34.12 13.35
C ALA B 4 10.51 -32.71 13.88
N VAL B 5 11.54 -31.87 13.90
CA VAL B 5 11.38 -30.48 14.35
C VAL B 5 10.33 -29.74 13.53
N GLN B 6 10.31 -30.00 12.22
CA GLN B 6 9.34 -29.40 11.31
C GLN B 6 7.90 -29.76 11.65
N GLN B 7 7.67 -31.04 11.90
CA GLN B 7 6.34 -31.53 12.30
C GLN B 7 5.90 -30.81 13.56
N LYS B 8 6.81 -30.71 14.53
CA LYS B 8 6.49 -30.12 15.84
C LYS B 8 6.18 -28.63 15.75
N LEU B 9 6.96 -27.90 14.96
CA LEU B 9 6.71 -26.49 14.77
C LEU B 9 5.40 -26.21 14.03
N ALA B 10 5.13 -26.99 12.99
CA ALA B 10 3.88 -26.86 12.24
C ALA B 10 2.67 -27.14 13.14
N ALA B 11 2.81 -28.17 13.98
CA ALA B 11 1.76 -28.55 14.94
C ALA B 11 1.52 -27.45 15.97
N LEU B 12 2.60 -26.85 16.47
CA LEU B 12 2.47 -25.76 17.43
C LEU B 12 1.75 -24.58 16.78
N GLU B 13 2.16 -24.23 15.56
CA GLU B 13 1.51 -23.16 14.82
C GLU B 13 0.01 -23.41 14.63
N LYS B 14 -0.36 -24.62 14.19
CA LYS B 14 -1.76 -24.94 13.96
C LYS B 14 -2.56 -24.79 15.25
N SER B 15 -2.00 -25.27 16.35
CA SER B 15 -2.63 -25.13 17.65
C SER B 15 -2.83 -23.68 18.05
N SER B 16 -1.84 -22.84 17.76
CA SER B 16 -1.83 -21.42 18.13
C SER B 16 -2.84 -20.57 17.37
N GLY B 17 -3.24 -21.02 16.19
CA GLY B 17 -4.15 -20.28 15.33
C GLY B 17 -3.53 -19.16 14.53
N GLY B 18 -2.23 -18.91 14.74
CA GLY B 18 -1.56 -17.80 14.09
C GLY B 18 -0.50 -18.23 13.08
N ARG B 19 0.44 -17.32 12.83
CA ARG B 19 1.51 -17.55 11.87
C ARG B 19 2.84 -17.40 12.61
N LEU B 20 3.62 -18.47 12.58
CA LEU B 20 4.85 -18.60 13.35
C LEU B 20 6.07 -18.62 12.44
N GLY B 21 7.08 -17.84 12.81
CA GLY B 21 8.36 -17.81 12.08
C GLY B 21 9.52 -18.11 13.01
N VAL B 22 10.36 -19.06 12.62
CA VAL B 22 11.48 -19.47 13.45
C VAL B 22 12.74 -19.53 12.60
N ALA B 23 13.84 -19.04 13.14
CA ALA B 23 15.14 -19.26 12.54
C ALA B 23 16.16 -19.48 13.64
N LEU B 24 16.76 -20.66 13.61
CA LEU B 24 17.87 -21.01 14.48
C LEU B 24 19.16 -21.07 13.69
N ILE B 25 20.23 -20.49 14.23
CA ILE B 25 21.59 -20.81 13.79
C ILE B 25 22.32 -21.45 14.97
N ASP B 26 22.80 -22.67 14.75
CA ASP B 26 23.65 -23.33 15.74
C ASP B 26 25.10 -23.09 15.35
N THR B 27 25.82 -22.25 16.10
CA THR B 27 27.18 -21.88 15.71
C THR B 27 28.21 -22.99 15.96
N ALA B 28 27.78 -24.07 16.61
CA ALA B 28 28.62 -25.26 16.78
C ALA B 28 29.04 -25.81 15.42
N ASP B 29 28.11 -25.76 14.46
CA ASP B 29 28.30 -26.42 13.16
C ASP B 29 27.63 -25.68 12.00
N ASN B 30 27.12 -24.48 12.26
CA ASN B 30 26.43 -23.65 11.27
C ASN B 30 25.12 -24.22 10.72
N THR B 31 24.59 -25.26 11.37
CA THR B 31 23.30 -25.81 10.98
C THR B 31 22.16 -24.85 11.34
N GLN B 32 21.04 -25.02 10.65
CA GLN B 32 19.90 -24.14 10.82
C GLN B 32 18.61 -24.89 10.95
N VAL B 33 17.67 -24.31 11.68
CA VAL B 33 16.29 -24.74 11.67
C VAL B 33 15.45 -23.50 11.38
N LEU B 34 14.63 -23.73 10.03
CA LEU B 34 13.85 -22.61 9.54
C LEU B 34 12.41 -23.06 9.47
N TYR B 35 11.52 -22.21 9.94
CA TYR B 35 10.09 -22.40 9.77
C TYR B 35 9.53 -21.06 9.33
N ARG B 36 8.98 -21.01 8.12
CA ARG B 36 8.57 -19.74 7.49
C ARG B 36 9.73 -18.74 7.59
N GLY B 37 10.95 -19.24 7.43
CA GLY B 37 12.16 -18.47 7.64
C GLY B 37 12.34 -17.31 6.67
N ASP B 38 11.68 -17.38 5.52
CA ASP B 38 11.79 -16.33 4.51
C ASP B 38 10.53 -15.47 4.36
N GLU B 39 9.54 -15.68 5.24
CA GLU B 39 8.38 -14.78 5.26
C GLU B 39 8.67 -13.54 6.08
N ARG B 40 8.08 -12.43 5.68
CA ARG B 40 8.18 -11.20 6.45
C ARG B 40 7.23 -11.21 7.63
N PHE B 41 7.71 -10.67 8.74
CA PHE B 41 6.94 -10.51 9.98
C PHE B 41 7.17 -9.10 10.50
N PRO B 42 6.15 -8.51 11.16
CA PRO B 42 6.38 -7.20 11.79
C PRO B 42 7.34 -7.37 12.95
N MET B 43 8.41 -6.58 12.97
CA MET B 43 9.45 -6.72 13.99
C MET B 43 9.01 -6.21 15.35
N CYS B 44 8.17 -5.19 15.36
CA CYS B 44 7.81 -4.45 16.58
C CYS B 44 9.08 -4.10 17.35
N SER B 45 9.10 -4.25 18.67
CA SER B 45 10.25 -3.78 19.46
C SER B 45 11.57 -4.52 19.22
N THR B 46 11.53 -5.64 18.50
CA THR B 46 12.79 -6.31 18.19
C THR B 46 13.70 -5.45 17.31
N SER B 47 13.09 -4.47 16.61
CA SER B 47 13.85 -3.51 15.82
C SER B 47 14.74 -2.61 16.67
N LYS B 48 14.46 -2.54 17.97
CA LYS B 48 15.31 -1.77 18.89
C LYS B 48 16.77 -2.27 18.89
N VAL B 49 16.98 -3.56 18.60
CA VAL B 49 18.34 -4.10 18.51
C VAL B 49 19.13 -3.45 17.38
N MET B 50 18.51 -3.29 16.21
CA MET B 50 19.17 -2.67 15.05
CA MET B 50 19.19 -2.67 15.07
C MET B 50 19.50 -1.20 15.33
N ALA B 51 18.57 -0.50 15.97
CA ALA B 51 18.78 0.92 16.27
C ALA B 51 19.91 1.12 17.26
N ALA B 52 19.90 0.34 18.35
CA ALA B 52 20.97 0.43 19.34
C ALA B 52 22.33 0.03 18.74
N ALA B 53 22.33 -1.01 17.92
CA ALA B 53 23.56 -1.43 17.24
C ALA B 53 24.09 -0.35 16.29
N ALA B 54 23.19 0.34 15.60
CA ALA B 54 23.58 1.41 14.68
C ALA B 54 24.26 2.56 15.43
N VAL B 55 23.73 2.90 16.61
CA VAL B 55 24.34 3.95 17.44
C VAL B 55 25.70 3.47 17.98
N LEU B 56 25.78 2.20 18.36
CA LEU B 56 27.07 1.63 18.76
C LEU B 56 28.11 1.73 17.63
N LYS B 57 27.71 1.41 16.41
CA LYS B 57 28.61 1.55 15.28
C LYS B 57 29.06 3.00 15.11
N GLN B 58 28.14 3.95 15.24
CA GLN B 58 28.51 5.37 15.15
C GLN B 58 29.55 5.73 16.19
N SER B 59 29.40 5.19 17.40
CA SER B 59 30.32 5.50 18.51
C SER B 59 31.73 4.93 18.31
N GLU B 60 31.90 4.07 17.30
CA GLU B 60 33.24 3.57 16.97
C GLU B 60 34.10 4.69 16.41
N THR B 61 33.47 5.67 15.78
CA THR B 61 34.22 6.80 15.22
C THR B 61 33.92 8.15 15.88
N GLN B 62 32.71 8.30 16.42
CA GLN B 62 32.38 9.45 17.26
C GLN B 62 32.56 8.96 18.70
N LYS B 63 33.78 9.07 19.20
CA LYS B 63 34.21 8.29 20.36
C LYS B 63 33.49 8.60 21.68
N GLN B 64 32.94 9.79 21.82
CA GLN B 64 32.22 10.19 23.04
CA GLN B 64 32.21 10.13 23.05
C GLN B 64 30.70 10.20 22.82
N LEU B 65 30.25 9.67 21.68
CA LEU B 65 28.83 9.76 21.32
C LEU B 65 27.89 9.19 22.37
N LEU B 66 28.26 8.07 22.99
CA LEU B 66 27.36 7.43 23.96
C LEU B 66 27.13 8.28 25.20
N ASN B 67 28.02 9.24 25.46
CA ASN B 67 27.88 10.12 26.62
C ASN B 67 27.09 11.39 26.33
N GLN B 68 26.70 11.59 25.08
CA GLN B 68 26.03 12.83 24.65
C GLN B 68 24.64 12.94 25.28
N PRO B 69 24.38 14.06 25.99
CA PRO B 69 23.03 14.24 26.55
C PRO B 69 22.01 14.55 25.47
N VAL B 70 20.81 13.99 25.64
CA VAL B 70 19.70 14.21 24.73
C VAL B 70 18.52 14.70 25.56
N GLU B 71 17.93 15.82 25.13
CA GLU B 71 16.78 16.39 25.85
C GLU B 71 15.55 15.49 25.72
N ILE B 72 14.90 15.23 26.86
CA ILE B 72 13.62 14.53 26.89
C ILE B 72 12.54 15.54 27.24
N LYS B 73 11.64 15.81 26.30
CA LYS B 73 10.57 16.79 26.50
C LYS B 73 9.25 16.09 26.78
N PRO B 74 8.32 16.76 27.49
CA PRO B 74 6.99 16.16 27.71
C PRO B 74 6.34 15.69 26.41
N ALA B 75 6.50 16.46 25.34
CA ALA B 75 5.90 16.13 24.04
C ALA B 75 6.52 14.91 23.37
N ASP B 76 7.71 14.52 23.83
CA ASP B 76 8.40 13.33 23.30
C ASP B 76 7.81 12.02 23.80
N LEU B 77 7.14 12.04 24.94
CA LEU B 77 6.62 10.81 25.52
C LEU B 77 5.55 10.19 24.63
N VAL B 78 5.69 8.90 24.37
CA VAL B 78 4.71 8.18 23.56
C VAL B 78 3.85 7.26 24.44
N ASN B 79 3.75 5.97 24.07
CA ASN B 79 2.74 5.08 24.66
C ASN B 79 3.33 4.11 25.69
N TYR B 80 4.66 4.04 25.78
CA TYR B 80 5.30 3.19 26.78
C TYR B 80 6.71 3.68 27.07
N ASN B 81 6.85 4.36 28.21
CA ASN B 81 8.06 5.13 28.51
C ASN B 81 8.53 4.90 29.95
N PRO B 82 8.77 3.64 30.34
CA PRO B 82 9.05 3.34 31.75
C PRO B 82 10.30 4.02 32.30
N ILE B 83 11.28 4.30 31.44
CA ILE B 83 12.50 4.97 31.85
C ILE B 83 12.47 6.46 31.54
N ALA B 84 12.07 6.80 30.32
CA ALA B 84 12.10 8.19 29.87
C ALA B 84 11.20 9.12 30.69
N GLU B 85 10.09 8.60 31.21
CA GLU B 85 9.17 9.44 31.98
C GLU B 85 9.84 9.99 33.25
N LYS B 86 10.84 9.26 33.76
CA LYS B 86 11.61 9.72 34.92
C LYS B 86 12.48 10.94 34.60
N HIS B 87 12.83 11.11 33.33
CA HIS B 87 13.82 12.13 32.93
C HIS B 87 13.26 13.27 32.08
N VAL B 88 11.94 13.32 31.98
N VAL B 88 11.94 13.32 31.98
CA VAL B 88 11.22 14.41 31.31
CA VAL B 88 11.27 14.38 31.23
C VAL B 88 11.67 15.76 31.84
C VAL B 88 11.63 15.76 31.82
N ASN B 89 11.82 16.73 30.94
CA ASN B 89 12.36 18.06 31.28
C ASN B 89 13.82 18.04 31.72
N GLY B 90 14.49 16.92 31.44
CA GLY B 90 15.91 16.77 31.68
C GLY B 90 16.53 16.09 30.48
N THR B 91 17.64 15.39 30.71
CA THR B 91 18.37 14.72 29.62
C THR B 91 18.69 13.28 29.97
N MET B 92 18.92 12.47 28.93
CA MET B 92 19.47 11.13 29.06
C MET B 92 20.59 11.01 28.02
N THR B 93 21.63 10.25 28.34
CA THR B 93 22.69 10.03 27.36
C THR B 93 22.27 8.97 26.34
N LEU B 94 22.96 8.95 25.21
CA LEU B 94 22.67 7.92 24.20
C LEU B 94 22.90 6.49 24.70
N ALA B 95 23.88 6.29 25.58
CA ALA B 95 24.04 5.00 26.27
C ALA B 95 22.82 4.67 27.13
N GLU B 96 22.34 5.66 27.88
CA GLU B 96 21.17 5.47 28.74
C GLU B 96 19.91 5.18 27.92
N LEU B 97 19.79 5.84 26.79
CA LEU B 97 18.65 5.60 25.89
C LEU B 97 18.73 4.21 25.26
N SER B 98 19.93 3.81 24.88
CA SER B 98 20.14 2.47 24.31
C SER B 98 19.78 1.39 25.33
N ALA B 99 20.27 1.55 26.56
CA ALA B 99 19.95 0.61 27.63
C ALA B 99 18.45 0.57 27.93
N ALA B 100 17.81 1.74 27.97
CA ALA B 100 16.38 1.80 28.22
C ALA B 100 15.57 1.13 27.11
N ALA B 101 15.92 1.42 25.86
CA ALA B 101 15.28 0.79 24.71
C ALA B 101 15.42 -0.73 24.74
N LEU B 102 16.61 -1.22 25.01
CA LEU B 102 16.87 -2.66 24.96
C LEU B 102 16.33 -3.42 26.15
N GLN B 103 16.54 -2.87 27.34
CA GLN B 103 16.29 -3.63 28.56
C GLN B 103 14.89 -3.45 29.11
N TYR B 104 14.24 -2.35 28.73
CA TYR B 104 12.87 -2.05 29.19
C TYR B 104 11.90 -1.83 28.06
N SER B 105 12.40 -1.91 26.82
CA SER B 105 11.57 -1.66 25.64
C SER B 105 10.94 -0.26 25.63
N ASP B 106 11.67 0.71 26.17
CA ASP B 106 11.18 2.08 26.25
C ASP B 106 11.05 2.69 24.84
N ASN B 107 9.84 3.11 24.49
CA ASN B 107 9.52 3.63 23.16
C ASN B 107 10.02 5.03 22.88
N THR B 108 10.01 5.90 23.90
CA THR B 108 10.61 7.22 23.76
C THR B 108 12.12 7.08 23.51
N ALA B 109 12.76 6.18 24.25
CA ALA B 109 14.18 5.90 24.05
C ALA B 109 14.46 5.46 22.61
N MET B 110 13.65 4.53 22.11
CA MET B 110 13.78 4.10 20.71
C MET B 110 13.68 5.29 19.75
N ASN B 111 12.70 6.16 19.97
CA ASN B 111 12.54 7.31 19.10
C ASN B 111 13.74 8.23 19.12
N LYS B 112 14.42 8.35 20.27
CA LYS B 112 15.65 9.14 20.31
C LYS B 112 16.79 8.48 19.55
N LEU B 113 16.87 7.15 19.61
CA LEU B 113 17.87 6.42 18.82
C LEU B 113 17.61 6.63 17.33
N ILE B 114 16.34 6.51 16.93
CA ILE B 114 15.97 6.72 15.53
C ILE B 114 16.34 8.14 15.08
N ALA B 115 16.04 9.13 15.91
CA ALA B 115 16.36 10.53 15.58
C ALA B 115 17.87 10.75 15.43
N GLN B 116 18.66 10.15 16.32
CA GLN B 116 20.11 10.24 16.24
C GLN B 116 20.65 9.73 14.91
N LEU B 117 19.98 8.71 14.36
CA LEU B 117 20.38 8.08 13.12
C LEU B 117 19.80 8.76 11.87
N GLY B 118 19.03 9.83 12.07
CA GLY B 118 18.48 10.61 10.97
C GLY B 118 17.09 10.17 10.53
N GLY B 119 16.45 9.32 11.32
CA GLY B 119 15.13 8.80 10.97
C GLY B 119 15.19 7.30 10.70
N PRO B 120 14.01 6.68 10.48
CA PRO B 120 13.98 5.23 10.27
C PRO B 120 14.90 4.74 9.15
N GLY B 121 15.05 5.55 8.09
CA GLY B 121 15.96 5.21 6.99
C GLY B 121 17.42 5.05 7.43
N GLY B 122 17.82 5.77 8.47
CA GLY B 122 19.16 5.63 9.03
C GLY B 122 19.38 4.27 9.66
N VAL B 123 18.34 3.71 10.26
CA VAL B 123 18.43 2.36 10.82
C VAL B 123 18.55 1.34 9.69
N THR B 124 17.74 1.51 8.64
CA THR B 124 17.81 0.63 7.47
C THR B 124 19.18 0.72 6.79
N ALA B 125 19.73 1.93 6.69
CA ALA B 125 21.05 2.10 6.10
C ALA B 125 22.13 1.33 6.85
N PHE B 126 22.05 1.31 8.18
CA PHE B 126 22.99 0.53 8.97
C PHE B 126 22.83 -0.97 8.69
N ALA B 127 21.58 -1.44 8.62
CA ALA B 127 21.31 -2.82 8.24
C ALA B 127 22.02 -3.18 6.93
N ARG B 128 21.87 -2.32 5.92
CA ARG B 128 22.50 -2.57 4.64
C ARG B 128 24.02 -2.58 4.76
N ALA B 129 24.55 -1.69 5.60
CA ALA B 129 25.99 -1.59 5.81
C ALA B 129 26.60 -2.85 6.43
N ILE B 130 25.80 -3.63 7.16
CA ILE B 130 26.28 -4.86 7.77
C ILE B 130 25.79 -6.11 7.03
N GLY B 131 25.30 -5.90 5.82
CA GLY B 131 24.98 -6.99 4.91
C GLY B 131 23.57 -7.55 4.99
N ASP B 132 22.69 -6.85 5.71
CA ASP B 132 21.28 -7.24 5.81
C ASP B 132 20.50 -6.46 4.75
N GLU B 133 20.08 -7.18 3.71
CA GLU B 133 19.36 -6.59 2.58
CA GLU B 133 19.35 -6.56 2.59
C GLU B 133 17.84 -6.71 2.72
N THR B 134 17.39 -7.29 3.84
CA THR B 134 15.98 -7.61 4.07
C THR B 134 15.28 -6.67 5.06
N PHE B 135 15.94 -6.43 6.19
CA PHE B 135 15.44 -5.53 7.22
C PHE B 135 14.98 -4.19 6.65
N ARG B 136 13.83 -3.70 7.10
CA ARG B 136 13.47 -2.31 6.84
C ARG B 136 12.76 -1.71 8.04
N LEU B 137 13.20 -0.52 8.44
CA LEU B 137 12.46 0.30 9.39
C LEU B 137 11.91 1.50 8.66
N ASP B 138 10.62 1.72 8.81
CA ASP B 138 9.88 2.71 8.04
C ASP B 138 9.26 3.78 8.89
N ARG B 139 8.92 3.41 10.13
CA ARG B 139 8.18 4.29 11.05
C ARG B 139 8.84 4.33 12.43
N THR B 140 8.44 5.33 13.20
CA THR B 140 8.83 5.47 14.60
C THR B 140 7.85 4.72 15.51
N GLU B 141 8.12 4.76 16.82
CA GLU B 141 7.16 4.31 17.82
C GLU B 141 6.11 5.38 18.02
N PRO B 142 4.82 4.98 18.13
CA PRO B 142 4.30 3.62 18.22
C PRO B 142 3.78 3.02 16.91
N THR B 143 3.77 3.78 15.82
CA THR B 143 3.12 3.29 14.60
C THR B 143 3.84 2.12 13.92
N LEU B 144 5.10 1.87 14.26
CA LEU B 144 5.79 0.71 13.70
C LEU B 144 5.17 -0.63 14.14
N ASN B 145 4.23 -0.58 15.09
CA ASN B 145 3.60 -1.79 15.64
C ASN B 145 2.25 -2.16 15.04
N THR B 146 1.85 -1.52 13.94
CA THR B 146 0.51 -1.77 13.39
C THR B 146 0.35 -3.21 12.89
N ALA B 147 1.44 -3.80 12.40
CA ALA B 147 1.49 -5.23 12.11
C ALA B 147 0.37 -5.71 11.17
N ILE B 148 0.04 -4.89 10.17
CA ILE B 148 -1.04 -5.22 9.26
C ILE B 148 -0.59 -6.33 8.31
N PRO B 149 -1.37 -7.43 8.20
CA PRO B 149 -0.96 -8.52 7.33
C PRO B 149 -0.70 -8.03 5.90
N GLY B 150 0.42 -8.44 5.32
CA GLY B 150 0.79 -8.04 3.97
C GLY B 150 1.58 -6.74 3.84
N ASP B 151 1.56 -5.91 4.89
CA ASP B 151 2.29 -4.64 4.93
C ASP B 151 3.79 -4.89 5.12
N PRO B 152 4.63 -4.46 4.16
CA PRO B 152 6.08 -4.72 4.30
C PRO B 152 6.78 -3.77 5.26
N ARG B 153 6.11 -2.69 5.67
CA ARG B 153 6.75 -1.71 6.54
C ARG B 153 7.18 -2.31 7.87
N ASP B 154 8.39 -1.98 8.31
CA ASP B 154 8.87 -2.38 9.64
C ASP B 154 8.88 -3.91 9.83
N THR B 155 9.30 -4.61 8.76
CA THR B 155 9.37 -6.06 8.77
C THR B 155 10.78 -6.56 8.46
N THR B 156 11.01 -7.81 8.83
CA THR B 156 12.13 -8.58 8.33
C THR B 156 11.73 -10.05 8.26
N THR B 157 12.64 -10.90 7.80
CA THR B 157 12.40 -12.34 7.84
C THR B 157 13.16 -12.96 8.99
N PRO B 158 12.68 -14.10 9.53
CA PRO B 158 13.45 -14.75 10.59
C PRO B 158 14.88 -15.10 10.18
N ARG B 159 15.06 -15.58 8.95
CA ARG B 159 16.40 -15.94 8.46
C ARG B 159 17.32 -14.73 8.49
N ALA B 160 16.84 -13.60 7.99
CA ALA B 160 17.67 -12.40 7.93
C ALA B 160 18.01 -11.88 9.33
N MET B 161 17.03 -11.87 10.23
CA MET B 161 17.27 -11.36 11.58
CA MET B 161 17.26 -11.37 11.58
C MET B 161 18.21 -12.27 12.37
N ALA B 162 18.11 -13.58 12.18
CA ALA B 162 19.03 -14.50 12.87
C ALA B 162 20.46 -14.28 12.38
N GLN B 163 20.63 -14.15 11.07
CA GLN B 163 21.94 -13.90 10.49
C GLN B 163 22.53 -12.59 11.02
N THR B 164 21.72 -11.54 11.04
CA THR B 164 22.15 -10.24 11.53
C THR B 164 22.47 -10.28 13.03
N LEU B 165 21.62 -10.91 13.83
CA LEU B 165 21.88 -11.00 15.26
C LEU B 165 23.19 -11.75 15.53
N ARG B 166 23.45 -12.80 14.76
CA ARG B 166 24.74 -13.50 14.84
C ARG B 166 25.90 -12.56 14.54
N GLN B 167 25.80 -11.83 13.42
CA GLN B 167 26.84 -10.88 13.04
C GLN B 167 27.10 -9.83 14.11
N LEU B 168 26.03 -9.36 14.76
CA LEU B 168 26.12 -8.30 15.76
C LEU B 168 26.69 -8.78 17.08
N THR B 169 26.30 -9.98 17.50
CA THR B 169 26.61 -10.44 18.86
C THR B 169 27.78 -11.41 18.94
N LEU B 170 28.05 -12.11 17.83
CA LEU B 170 29.08 -13.17 17.82
C LEU B 170 30.11 -12.97 16.72
N GLY B 171 29.75 -12.18 15.71
CA GLY B 171 30.66 -11.91 14.60
C GLY B 171 31.26 -10.52 14.72
N HIS B 172 31.50 -9.89 13.57
CA HIS B 172 32.32 -8.68 13.51
C HIS B 172 31.65 -7.50 12.80
N ALA B 173 30.32 -7.46 12.84
CA ALA B 173 29.58 -6.30 12.34
C ALA B 173 29.92 -5.08 13.17
N LEU B 174 30.19 -5.29 14.46
CA LEU B 174 30.60 -4.22 15.38
C LEU B 174 32.03 -4.45 15.84
N GLY B 175 32.66 -3.38 16.33
CA GLY B 175 33.96 -3.47 16.99
C GLY B 175 33.84 -4.26 18.28
N GLU B 176 34.97 -4.81 18.77
CA GLU B 176 34.95 -5.69 19.93
C GLU B 176 34.25 -5.13 21.17
N THR B 177 34.58 -3.89 21.54
CA THR B 177 33.98 -3.25 22.72
C THR B 177 32.47 -3.08 22.53
N GLN B 178 32.08 -2.73 21.31
CA GLN B 178 30.68 -2.47 20.99
C GLN B 178 29.86 -3.76 20.96
N ARG B 179 30.44 -4.82 20.41
CA ARG B 179 29.81 -6.14 20.44
C ARG B 179 29.57 -6.56 21.88
N ALA B 180 30.60 -6.43 22.71
CA ALA B 180 30.48 -6.77 24.13
C ALA B 180 29.39 -5.94 24.81
N GLN B 181 29.30 -4.66 24.48
CA GLN B 181 28.28 -3.79 25.08
C GLN B 181 26.88 -4.23 24.69
N LEU B 182 26.71 -4.58 23.42
CA LEU B 182 25.42 -5.06 22.95
C LEU B 182 25.02 -6.35 23.67
N VAL B 183 25.97 -7.27 23.80
CA VAL B 183 25.72 -8.53 24.50
C VAL B 183 25.39 -8.29 25.98
N THR B 184 26.14 -7.40 26.63
CA THR B 184 25.85 -7.02 28.03
C THR B 184 24.42 -6.48 28.16
N TRP B 185 24.01 -5.62 27.24
CA TRP B 185 22.66 -5.07 27.28
C TRP B 185 21.58 -6.15 27.11
N LEU B 186 21.76 -7.00 26.10
CA LEU B 186 20.80 -8.08 25.85
C LEU B 186 20.70 -9.05 27.03
N LYS B 187 21.84 -9.38 27.64
CA LYS B 187 21.86 -10.28 28.80
C LYS B 187 21.16 -9.68 30.02
N GLY B 188 21.12 -8.34 30.09
CA GLY B 188 20.43 -7.64 31.17
C GLY B 188 18.97 -7.29 30.89
N ASN B 189 18.42 -7.82 29.81
CA ASN B 189 17.01 -7.58 29.50
C ASN B 189 16.11 -7.92 30.67
N THR B 190 15.09 -7.09 30.90
CA THR B 190 14.13 -7.35 31.96
C THR B 190 12.84 -8.02 31.48
N THR B 191 12.62 -8.05 30.16
CA THR B 191 11.30 -8.40 29.61
C THR B 191 11.15 -9.82 29.08
N GLY B 192 12.21 -10.63 29.18
CA GLY B 192 12.29 -11.86 28.40
C GLY B 192 11.96 -13.20 29.02
N ALA B 193 11.67 -13.25 30.32
CA ALA B 193 11.58 -14.54 31.03
C ALA B 193 10.42 -15.44 30.59
N ALA B 194 9.39 -14.86 29.97
CA ALA B 194 8.22 -15.62 29.53
C ALA B 194 8.31 -16.09 28.07
N SER B 195 9.34 -15.65 27.36
CA SER B 195 9.40 -15.87 25.90
C SER B 195 10.39 -16.99 25.57
N ILE B 196 11.35 -16.76 24.68
CA ILE B 196 12.30 -17.82 24.31
C ILE B 196 12.90 -18.48 25.54
N ARG B 197 13.33 -17.67 26.51
CA ARG B 197 14.05 -18.22 27.65
C ARG B 197 13.22 -19.15 28.54
N ALA B 198 11.90 -18.97 28.52
CA ALA B 198 11.00 -19.90 29.25
C ALA B 198 11.06 -21.33 28.71
N GLY B 199 11.44 -21.48 27.44
CA GLY B 199 11.57 -22.79 26.84
C GLY B 199 12.95 -23.43 26.89
N LEU B 200 13.90 -22.77 27.55
CA LEU B 200 15.29 -23.26 27.60
C LEU B 200 15.61 -23.79 29.00
N PRO B 201 16.53 -24.78 29.09
CA PRO B 201 16.98 -25.22 30.41
C PRO B 201 17.51 -24.03 31.21
N THR B 202 17.31 -24.04 32.52
CA THR B 202 17.68 -22.91 33.37
C THR B 202 19.20 -22.66 33.38
N SER B 203 19.98 -23.72 33.20
CA SER B 203 21.44 -23.63 33.21
C SER B 203 22.01 -22.79 32.07
N TRP B 204 21.26 -22.71 30.97
CA TRP B 204 21.68 -21.95 29.80
C TRP B 204 21.60 -20.46 30.07
N THR B 205 22.56 -19.70 29.58
CA THR B 205 22.48 -18.24 29.69
C THR B 205 22.09 -17.68 28.34
N ALA B 206 21.37 -16.56 28.36
CA ALA B 206 20.92 -15.95 27.13
C ALA B 206 20.73 -14.45 27.29
N GLY B 207 20.74 -13.75 26.16
CA GLY B 207 20.30 -12.37 26.10
C GLY B 207 19.22 -12.33 25.04
N ASP B 208 18.26 -11.42 25.17
CA ASP B 208 17.17 -11.37 24.20
C ASP B 208 16.53 -9.99 24.11
N LYS B 209 15.80 -9.77 23.03
CA LYS B 209 14.91 -8.61 22.91
C LYS B 209 13.54 -9.06 22.45
N THR B 210 12.53 -8.74 23.25
CA THR B 210 11.15 -9.08 22.96
C THR B 210 10.51 -8.01 22.06
N GLY B 211 9.34 -8.34 21.54
CA GLY B 211 8.50 -7.36 20.86
C GLY B 211 7.04 -7.74 20.97
N SER B 212 6.20 -6.71 21.02
N SER B 212 6.19 -6.72 21.01
CA SER B 212 4.74 -6.87 21.06
CA SER B 212 4.75 -6.95 20.96
C SER B 212 4.10 -5.83 20.16
C SER B 212 4.08 -5.85 20.19
N GLY B 213 3.03 -6.22 19.48
CA GLY B 213 2.30 -5.29 18.66
C GLY B 213 0.87 -5.71 18.47
N ASP B 214 0.17 -4.83 17.36
CA ASP B 214 -1.20 -5.24 17.05
C ASP B 214 -1.21 -6.62 16.39
N TYR B 215 -2.41 -7.15 16.16
CA TYR B 215 -2.59 -8.51 15.65
C TYR B 215 -1.92 -9.56 16.57
N GLY B 216 -1.92 -9.26 17.86
CA GLY B 216 -1.31 -10.15 18.85
C GLY B 216 0.11 -10.55 18.51
N THR B 217 0.85 -9.62 17.88
CA THR B 217 2.19 -9.92 17.46
C THR B 217 3.07 -10.07 18.69
N THR B 218 3.75 -11.21 18.76
CA THR B 218 4.55 -11.56 19.93
C THR B 218 5.85 -12.13 19.42
N ASN B 219 6.95 -11.43 19.69
CA ASN B 219 8.26 -11.72 19.10
C ASN B 219 9.36 -11.81 20.15
N ASP B 220 10.45 -12.50 19.78
CA ASP B 220 11.65 -12.55 20.62
C ASP B 220 12.83 -12.93 19.74
N ILE B 221 13.96 -12.27 19.96
CA ILE B 221 15.21 -12.64 19.29
C ILE B 221 16.28 -12.79 20.36
N ALA B 222 17.05 -13.87 20.28
CA ALA B 222 17.93 -14.24 21.38
C ALA B 222 19.27 -14.79 20.93
N VAL B 223 20.30 -14.53 21.72
N VAL B 223 20.30 -14.53 21.72
CA VAL B 223 21.56 -15.25 21.60
CA VAL B 223 21.57 -15.23 21.59
C VAL B 223 21.67 -16.08 22.86
C VAL B 223 21.74 -16.06 22.86
N ILE B 224 22.05 -17.35 22.68
CA ILE B 224 21.93 -18.32 23.75
C ILE B 224 23.25 -19.05 23.91
N TRP B 225 23.70 -19.21 25.15
CA TRP B 225 24.89 -19.99 25.43
C TRP B 225 24.49 -21.26 26.18
N PRO B 226 24.27 -22.37 25.43
CA PRO B 226 23.88 -23.61 26.10
C PRO B 226 25.08 -24.20 26.82
N GLN B 227 24.66 -24.80 27.92
CA GLN B 227 25.61 -25.43 28.81
C GLN B 227 26.67 -26.23 28.04
N GLY B 228 27.90 -25.90 28.25
CA GLY B 228 29.07 -26.58 27.65
C GLY B 228 29.23 -26.63 26.14
N ARG B 229 28.44 -25.86 25.40
CA ARG B 229 28.55 -25.89 23.93
C ARG B 229 28.51 -24.49 23.30
N ALA B 230 28.75 -24.44 21.99
CA ALA B 230 28.82 -23.17 21.26
C ALA B 230 27.46 -22.47 21.22
N PRO B 231 27.45 -21.13 21.10
CA PRO B 231 26.17 -20.41 21.19
C PRO B 231 25.22 -20.64 20.03
N LEU B 232 23.94 -20.38 20.30
CA LEU B 232 22.88 -20.40 19.31
C LEU B 232 22.36 -18.99 19.12
N VAL B 233 21.82 -18.73 17.94
CA VAL B 233 21.02 -17.54 17.71
C VAL B 233 19.62 -18.03 17.35
N LEU B 234 18.60 -17.48 17.99
CA LEU B 234 17.23 -17.92 17.76
C LEU B 234 16.28 -16.74 17.63
N VAL B 235 15.53 -16.72 16.52
CA VAL B 235 14.47 -15.75 16.28
C VAL B 235 13.14 -16.48 16.26
N THR B 236 12.18 -15.98 17.03
CA THR B 236 10.82 -16.51 17.04
C THR B 236 9.85 -15.35 16.87
N TYR B 237 9.16 -15.33 15.72
CA TYR B 237 8.20 -14.30 15.42
C TYR B 237 6.82 -14.93 15.35
N PHE B 238 5.80 -14.22 15.83
CA PHE B 238 4.45 -14.76 15.86
C PHE B 238 3.43 -13.66 15.70
N THR B 239 2.48 -13.86 14.79
CA THR B 239 1.42 -12.89 14.58
C THR B 239 0.08 -13.59 14.28
N GLN B 240 -1.02 -12.91 14.53
CA GLN B 240 -2.33 -13.55 14.62
C GLN B 240 -3.37 -12.87 13.71
N PRO B 241 -4.50 -13.55 13.43
CA PRO B 241 -5.47 -13.03 12.46
C PRO B 241 -6.26 -11.80 12.92
N GLN B 242 -6.51 -11.68 14.22
CA GLN B 242 -7.35 -10.60 14.75
C GLN B 242 -6.52 -9.42 15.24
N GLN B 243 -6.88 -8.22 14.80
CA GLN B 243 -6.16 -7.00 15.18
C GLN B 243 -5.96 -6.85 16.70
N ASN B 244 -6.97 -7.24 17.48
CA ASN B 244 -6.94 -7.09 18.92
C ASN B 244 -6.57 -8.36 19.68
N ALA B 245 -5.92 -9.30 19.00
CA ALA B 245 -5.54 -10.57 19.60
C ALA B 245 -4.62 -10.37 20.81
N GLU B 246 -4.72 -11.31 21.76
CA GLU B 246 -3.89 -11.29 22.97
C GLU B 246 -2.46 -11.70 22.65
N SER B 247 -1.52 -11.29 23.51
N SER B 247 -1.52 -11.30 23.51
CA SER B 247 -0.13 -11.73 23.39
CA SER B 247 -0.14 -11.75 23.41
C SER B 247 -0.03 -13.22 23.70
C SER B 247 -0.06 -13.24 23.67
N ARG B 248 0.91 -13.90 23.04
CA ARG B 248 1.09 -15.34 23.20
C ARG B 248 2.58 -15.67 23.38
N ARG B 249 3.17 -15.16 24.46
CA ARG B 249 4.58 -15.45 24.75
C ARG B 249 4.83 -16.95 24.94
N ASP B 250 3.81 -17.67 25.40
CA ASP B 250 3.88 -19.12 25.57
C ASP B 250 4.21 -19.84 24.27
N VAL B 251 3.75 -19.30 23.14
CA VAL B 251 4.03 -19.88 21.83
C VAL B 251 5.52 -19.78 21.51
N LEU B 252 6.13 -18.65 21.88
CA LEU B 252 7.57 -18.47 21.68
C LEU B 252 8.36 -19.42 22.58
N ALA B 253 7.92 -19.54 23.83
CA ALA B 253 8.51 -20.49 24.77
C ALA B 253 8.44 -21.93 24.24
N SER B 254 7.27 -22.30 23.72
CA SER B 254 7.06 -23.64 23.16
C SER B 254 7.92 -23.89 21.93
N ALA B 255 8.10 -22.87 21.09
CA ALA B 255 8.97 -22.99 19.92
C ALA B 255 10.42 -23.21 20.35
N ALA B 256 10.86 -22.44 21.35
CA ALA B 256 12.21 -22.57 21.89
C ALA B 256 12.43 -23.94 22.50
N ARG B 257 11.40 -24.48 23.17
CA ARG B 257 11.47 -25.77 23.83
C ARG B 257 11.67 -26.89 22.81
N ILE B 258 10.93 -26.81 21.70
CA ILE B 258 11.10 -27.72 20.57
C ILE B 258 12.52 -27.66 20.01
N ILE B 259 13.05 -26.45 19.81
CA ILE B 259 14.41 -26.25 19.32
C ILE B 259 15.44 -26.83 20.28
N ALA B 260 15.27 -26.58 21.57
CA ALA B 260 16.21 -27.02 22.61
C ALA B 260 16.24 -28.54 22.77
N GLU B 261 15.09 -29.17 22.60
CA GLU B 261 14.98 -30.63 22.73
C GLU B 261 15.44 -31.36 21.46
N GLY B 262 15.33 -30.68 20.32
CA GLY B 262 15.82 -31.22 19.05
C GLY B 262 17.32 -31.04 18.85
N LEU B 263 17.97 -30.42 19.83
CA LEU B 263 19.41 -30.15 19.78
C LEU B 263 20.19 -31.28 20.45
#